data_3B1M
#
_entry.id   3B1M
#
_cell.length_a   38.946
_cell.length_b   54.622
_cell.length_c   66.782
_cell.angle_alpha   90.00
_cell.angle_beta   92.21
_cell.angle_gamma   90.00
#
_symmetry.space_group_name_H-M   'P 1 21 1'
#
loop_
_entity.id
_entity.type
_entity.pdbx_description
1 polymer 'Peroxisome proliferator-activated receptor gamma'
2 polymer 'Peroxisome proliferator-activated receptor gamma coactivator 1-alpha'
3 non-polymer (9aS)-8-acetyl-N-[(2-ethylnaphthalen-1-yl)methyl]-1,7-dihydroxy-3-methoxy-9a-methyl-9-oxo-9,9a-dihydrodibenzo[b,d]furan-4-carboxamide
4 water water
#
loop_
_entity_poly.entity_id
_entity_poly.type
_entity_poly.pdbx_seq_one_letter_code
_entity_poly.pdbx_strand_id
1 'polypeptide(L)'
;MRGSHHHHHHGPESADLRALAKHLYDSYIKSFPLTKAKARAILTGKTTDKSPFVIYDMNSLMMGEDKIKFKHITPLQEQS
KEVAIRIFQGCQFRSVEAVQEITEYAKSIPGFVNLDLNDQVTLLKYGVHEIIYTMLASLMNKDGVLISEGQGFMTREFLK
SLRKPFGDFMEPKFEFAVKFNALELDDSDLAIFIAVIILSGDRPGLLNVKPIEDIQDNLLQALELQLKLNHPESSQLFAK
LLQKMTDLRQIVTEHVQLLQVIKKTETDMSLHPLLQEIYKDLY
;
A
2 'polypeptide(L)' QEAEEPSLLKKLLLAPANT B
#
# COMPACT_ATOMS: atom_id res chain seq x y z
N PRO A 12 32.25 5.66 -2.90
CA PRO A 12 31.80 6.92 -2.28
C PRO A 12 30.40 6.77 -1.67
N GLU A 13 30.01 7.78 -0.88
CA GLU A 13 28.71 7.77 -0.23
C GLU A 13 27.55 7.70 -1.23
N SER A 14 27.62 8.52 -2.28
CA SER A 14 26.57 8.53 -3.29
C SER A 14 26.46 7.19 -3.99
N ALA A 15 27.59 6.55 -4.29
CA ALA A 15 27.55 5.26 -4.94
C ALA A 15 26.82 4.27 -4.07
N ASP A 16 27.09 4.31 -2.76
CA ASP A 16 26.43 3.41 -1.83
C ASP A 16 24.94 3.69 -1.76
N LEU A 17 24.54 4.95 -1.89
CA LEU A 17 23.13 5.28 -1.87
C LEU A 17 22.42 4.71 -3.11
N ARG A 18 23.14 4.65 -4.23
CA ARG A 18 22.57 4.10 -5.45
C ARG A 18 22.47 2.58 -5.32
N ALA A 19 23.45 1.97 -4.66
CA ALA A 19 23.42 0.53 -4.46
C ALA A 19 22.26 0.18 -3.54
N LEU A 20 22.01 1.03 -2.55
CA LEU A 20 20.90 0.81 -1.63
C LEU A 20 19.60 0.94 -2.40
N ALA A 21 19.49 1.96 -3.24
CA ALA A 21 18.28 2.15 -4.04
C ALA A 21 18.01 0.92 -4.91
N LYS A 22 19.07 0.38 -5.51
CA LYS A 22 18.91 -0.80 -6.38
C LYS A 22 18.51 -2.02 -5.56
N HIS A 23 19.11 -2.18 -4.39
CA HIS A 23 18.78 -3.29 -3.52
C HIS A 23 17.30 -3.24 -3.18
N LEU A 24 16.83 -2.07 -2.78
CA LEU A 24 15.41 -1.93 -2.44
C LEU A 24 14.53 -2.23 -3.64
N TYR A 25 14.91 -1.74 -4.82
CA TYR A 25 14.11 -2.02 -6.02
C TYR A 25 14.06 -3.52 -6.29
N ASP A 26 15.21 -4.19 -6.24
CA ASP A 26 15.23 -5.62 -6.50
C ASP A 26 14.38 -6.39 -5.49
N SER A 27 14.42 -5.95 -4.23
CA SER A 27 13.63 -6.59 -3.17
C SER A 27 12.16 -6.34 -3.41
N TYR A 28 11.86 -5.12 -3.86
CA TYR A 28 10.50 -4.70 -4.16
C TYR A 28 9.92 -5.60 -5.25
N ILE A 29 10.70 -5.85 -6.31
CA ILE A 29 10.25 -6.70 -7.40
C ILE A 29 10.00 -8.14 -6.92
N LYS A 30 10.79 -8.60 -5.97
CA LYS A 30 10.64 -9.96 -5.44
C LYS A 30 9.44 -10.09 -4.50
N SER A 31 9.12 -9.01 -3.80
CA SER A 31 8.04 -9.01 -2.82
C SER A 31 6.65 -8.67 -3.33
N PHE A 32 6.60 -7.85 -4.38
CA PHE A 32 5.33 -7.40 -4.94
C PHE A 32 5.11 -7.86 -6.38
N PRO A 33 4.25 -8.87 -6.57
CA PRO A 33 3.92 -9.42 -7.89
C PRO A 33 3.50 -8.41 -8.96
N LEU A 34 2.52 -7.57 -8.65
CA LEU A 34 2.06 -6.58 -9.62
C LEU A 34 2.67 -5.20 -9.35
N THR A 35 3.68 -4.88 -10.14
CA THR A 35 4.40 -3.62 -10.05
C THR A 35 3.62 -2.54 -10.79
N LYS A 36 4.02 -1.29 -10.60
CA LYS A 36 3.35 -0.20 -11.29
C LYS A 36 3.64 -0.30 -12.78
N ALA A 37 4.83 -0.77 -13.14
CA ALA A 37 5.20 -0.90 -14.55
C ALA A 37 4.26 -1.91 -15.22
N LYS A 38 4.05 -3.04 -14.58
CA LYS A 38 3.16 -4.06 -15.12
C LYS A 38 1.72 -3.56 -15.14
N ALA A 39 1.34 -2.85 -14.08
CA ALA A 39 -0.01 -2.32 -13.98
C ALA A 39 -0.35 -1.27 -15.04
N ARG A 40 0.54 -0.31 -15.26
CA ARG A 40 0.26 0.72 -16.25
C ARG A 40 0.27 0.14 -17.66
N ALA A 41 1.03 -0.94 -17.86
CA ALA A 41 1.11 -1.60 -19.15
C ALA A 41 -0.25 -2.21 -19.48
N ILE A 42 -0.99 -2.55 -18.45
CA ILE A 42 -2.32 -3.14 -18.61
C ILE A 42 -3.37 -2.04 -18.77
N LEU A 43 -3.30 -1.04 -17.89
CA LEU A 43 -4.24 0.07 -17.93
C LEU A 43 -4.21 0.81 -19.26
N THR A 44 -3.02 1.12 -19.75
CA THR A 44 -2.87 1.82 -21.01
C THR A 44 -3.20 0.88 -22.17
N GLY A 45 -2.95 -0.41 -21.97
CA GLY A 45 -3.24 -1.39 -22.99
C GLY A 45 -2.07 -1.68 -23.92
N LYS A 46 -0.85 -1.55 -23.41
CA LYS A 46 0.34 -1.81 -24.22
C LYS A 46 0.97 -3.16 -23.88
N THR A 47 0.14 -4.19 -23.78
CA THR A 47 0.60 -5.53 -23.47
C THR A 47 0.05 -6.55 -24.45
N THR A 48 0.47 -7.80 -24.31
CA THR A 48 0.03 -8.87 -25.21
C THR A 48 -0.87 -9.87 -24.48
N ASP A 49 -0.65 -10.02 -23.18
CA ASP A 49 -1.44 -10.96 -22.38
C ASP A 49 -2.93 -10.64 -22.42
N LYS A 50 -3.74 -11.58 -21.94
CA LYS A 50 -5.19 -11.42 -21.92
C LYS A 50 -5.60 -10.18 -21.14
N SER A 51 -6.40 -9.32 -21.77
CA SER A 51 -6.87 -8.10 -21.13
C SER A 51 -7.79 -8.43 -19.95
N PRO A 52 -7.92 -7.49 -19.01
CA PRO A 52 -8.77 -7.69 -17.83
C PRO A 52 -10.27 -7.64 -18.11
N PHE A 53 -11.03 -8.41 -17.34
CA PHE A 53 -12.48 -8.45 -17.47
C PHE A 53 -13.03 -7.22 -16.73
N VAL A 54 -13.85 -6.44 -17.41
CA VAL A 54 -14.40 -5.23 -16.80
C VAL A 54 -15.70 -5.43 -16.03
N ILE A 55 -15.71 -4.97 -14.78
CA ILE A 55 -16.87 -5.07 -13.92
C ILE A 55 -17.33 -3.64 -13.63
N TYR A 56 -18.49 -3.27 -14.16
CA TYR A 56 -19.01 -1.92 -13.98
C TYR A 56 -20.42 -1.87 -13.40
N ASP A 57 -20.98 -3.04 -13.11
CA ASP A 57 -22.33 -3.10 -12.55
C ASP A 57 -22.60 -4.49 -11.97
N MET A 58 -23.78 -4.65 -11.39
CA MET A 58 -24.17 -5.92 -10.77
C MET A 58 -24.11 -7.10 -11.74
N ASN A 59 -24.59 -6.88 -12.96
CA ASN A 59 -24.60 -7.93 -13.97
C ASN A 59 -23.20 -8.37 -14.38
N SER A 60 -22.32 -7.42 -14.66
CA SER A 60 -20.96 -7.76 -15.06
C SER A 60 -20.19 -8.42 -13.93
N LEU A 61 -20.54 -8.07 -12.69
CA LEU A 61 -19.88 -8.65 -11.52
C LEU A 61 -20.22 -10.14 -11.46
N MET A 62 -21.49 -10.46 -11.65
CA MET A 62 -21.94 -11.84 -11.62
C MET A 62 -21.21 -12.67 -12.68
N MET A 63 -21.12 -12.13 -13.89
CA MET A 63 -20.46 -12.81 -15.00
C MET A 63 -18.98 -13.05 -14.78
N GLY A 64 -18.29 -12.07 -14.19
CA GLY A 64 -16.86 -12.20 -13.99
C GLY A 64 -16.35 -12.80 -12.70
N GLU A 65 -17.21 -13.44 -11.92
CA GLU A 65 -16.77 -14.03 -10.66
C GLU A 65 -15.63 -15.04 -10.84
N ASP A 66 -15.67 -15.78 -11.95
CA ASP A 66 -14.63 -16.77 -12.23
C ASP A 66 -13.35 -16.14 -12.75
N LYS A 67 -13.48 -14.97 -13.37
CA LYS A 67 -12.33 -14.25 -13.91
C LYS A 67 -11.54 -13.56 -12.80
N ILE A 68 -12.20 -13.28 -11.69
CA ILE A 68 -11.55 -12.61 -10.57
C ILE A 68 -11.46 -13.51 -9.34
N LYS A 81 -24.44 -13.54 0.18
CA LYS A 81 -24.15 -12.20 0.66
C LYS A 81 -24.43 -11.17 -0.42
N GLU A 82 -24.89 -9.99 -0.02
CA GLU A 82 -25.18 -8.93 -0.97
C GLU A 82 -23.89 -8.38 -1.59
N VAL A 83 -24.03 -7.73 -2.73
CA VAL A 83 -22.89 -7.17 -3.45
C VAL A 83 -21.96 -6.32 -2.60
N ALA A 84 -22.50 -5.30 -1.94
CA ALA A 84 -21.70 -4.42 -1.09
C ALA A 84 -20.80 -5.20 -0.13
N ILE A 85 -21.40 -6.11 0.62
CA ILE A 85 -20.66 -6.92 1.58
C ILE A 85 -19.62 -7.78 0.87
N ARG A 86 -20.05 -8.39 -0.24
CA ARG A 86 -19.18 -9.25 -1.03
C ARG A 86 -17.94 -8.52 -1.51
N ILE A 87 -18.12 -7.30 -2.02
CA ILE A 87 -17.01 -6.50 -2.51
C ILE A 87 -16.08 -6.13 -1.35
N PHE A 88 -16.67 -5.75 -0.22
CA PHE A 88 -15.89 -5.37 0.95
C PHE A 88 -15.01 -6.54 1.40
N GLN A 89 -15.60 -7.73 1.47
CA GLN A 89 -14.86 -8.91 1.88
C GLN A 89 -13.72 -9.18 0.90
N GLY A 90 -13.94 -8.84 -0.36
CA GLY A 90 -12.93 -9.03 -1.37
C GLY A 90 -11.74 -8.13 -1.06
N CYS A 91 -12.02 -6.89 -0.70
CA CYS A 91 -10.95 -5.95 -0.38
C CYS A 91 -10.18 -6.44 0.85
N GLN A 92 -10.88 -7.02 1.82
CA GLN A 92 -10.23 -7.52 3.03
C GLN A 92 -9.24 -8.63 2.69
N PHE A 93 -9.65 -9.55 1.83
CA PHE A 93 -8.79 -10.66 1.43
C PHE A 93 -7.52 -10.14 0.76
N ARG A 94 -7.67 -9.16 -0.12
CA ARG A 94 -6.51 -8.60 -0.80
C ARG A 94 -5.63 -7.85 0.20
N SER A 95 -6.26 -7.17 1.15
CA SER A 95 -5.51 -6.42 2.17
C SER A 95 -4.64 -7.39 2.98
N VAL A 96 -5.19 -8.54 3.35
CA VAL A 96 -4.44 -9.54 4.12
C VAL A 96 -3.24 -10.01 3.31
N GLU A 97 -3.44 -10.25 2.02
CA GLU A 97 -2.35 -10.70 1.16
C GLU A 97 -1.32 -9.58 1.07
N ALA A 98 -1.81 -8.34 0.97
CA ALA A 98 -0.92 -7.18 0.86
C ALA A 98 -0.07 -7.00 2.12
N VAL A 99 -0.65 -7.20 3.29
CA VAL A 99 0.09 -7.05 4.54
C VAL A 99 1.27 -8.03 4.55
N GLN A 100 1.04 -9.26 4.08
CA GLN A 100 2.10 -10.25 4.05
C GLN A 100 3.21 -9.89 3.08
N GLU A 101 2.86 -9.28 1.94
CA GLU A 101 3.85 -8.87 0.96
C GLU A 101 4.70 -7.73 1.52
N ILE A 102 4.04 -6.79 2.18
CA ILE A 102 4.72 -5.65 2.77
C ILE A 102 5.65 -6.10 3.89
N THR A 103 5.23 -7.09 4.67
CA THR A 103 6.05 -7.61 5.75
C THR A 103 7.33 -8.21 5.16
N GLU A 104 7.20 -8.97 4.08
CA GLU A 104 8.37 -9.57 3.45
C GLU A 104 9.31 -8.48 2.96
N TYR A 105 8.75 -7.42 2.37
CA TYR A 105 9.59 -6.34 1.88
C TYR A 105 10.30 -5.64 3.04
N ALA A 106 9.57 -5.37 4.12
CA ALA A 106 10.15 -4.71 5.28
C ALA A 106 11.39 -5.46 5.78
N LYS A 107 11.31 -6.78 5.79
CA LYS A 107 12.41 -7.62 6.26
C LYS A 107 13.65 -7.53 5.38
N SER A 108 13.50 -6.98 4.17
CA SER A 108 14.64 -6.84 3.27
C SER A 108 15.33 -5.48 3.44
N ILE A 109 14.74 -4.56 4.21
CA ILE A 109 15.34 -3.25 4.42
C ILE A 109 16.51 -3.43 5.39
N PRO A 110 17.73 -3.05 4.99
CA PRO A 110 18.90 -3.19 5.85
C PRO A 110 18.68 -2.66 7.26
N GLY A 111 18.96 -3.50 8.26
CA GLY A 111 18.80 -3.12 9.65
C GLY A 111 17.45 -3.43 10.28
N PHE A 112 16.42 -3.62 9.47
CA PHE A 112 15.08 -3.87 10.01
C PHE A 112 14.94 -5.11 10.89
N VAL A 113 15.42 -6.26 10.42
CA VAL A 113 15.29 -7.48 11.23
C VAL A 113 16.13 -7.50 12.50
N ASN A 114 17.08 -6.57 12.62
CA ASN A 114 17.90 -6.50 13.83
C ASN A 114 17.25 -5.59 14.88
N LEU A 115 16.18 -4.90 14.50
CA LEU A 115 15.49 -4.06 15.48
C LEU A 115 14.76 -4.93 16.49
N ASP A 116 14.46 -4.37 17.66
CA ASP A 116 13.70 -5.07 18.69
C ASP A 116 12.45 -5.60 17.96
N LEU A 117 12.12 -6.87 18.19
CA LEU A 117 10.97 -7.48 17.52
C LEU A 117 9.67 -6.74 17.74
N ASN A 118 9.46 -6.23 18.95
CA ASN A 118 8.22 -5.50 19.22
C ASN A 118 8.16 -4.20 18.44
N ASP A 119 9.32 -3.60 18.19
CA ASP A 119 9.36 -2.37 17.40
C ASP A 119 9.06 -2.72 15.94
N GLN A 120 9.52 -3.88 15.47
CA GLN A 120 9.23 -4.30 14.10
C GLN A 120 7.72 -4.42 13.95
N VAL A 121 7.05 -4.99 14.95
CA VAL A 121 5.60 -5.15 14.92
C VAL A 121 4.95 -3.77 14.88
N THR A 122 5.42 -2.86 15.73
CA THR A 122 4.86 -1.52 15.77
C THR A 122 5.01 -0.80 14.43
N LEU A 123 6.17 -0.95 13.78
CA LEU A 123 6.37 -0.29 12.51
C LEU A 123 5.40 -0.81 11.44
N LEU A 124 5.16 -2.11 11.43
CA LEU A 124 4.24 -2.67 10.46
C LEU A 124 2.80 -2.26 10.80
N LYS A 125 2.45 -2.35 12.07
CA LYS A 125 1.10 -2.02 12.51
C LYS A 125 0.64 -0.64 12.03
N TYR A 126 1.51 0.34 12.20
CA TYR A 126 1.21 1.72 11.81
C TYR A 126 1.56 2.05 10.38
N GLY A 127 2.41 1.25 9.76
CA GLY A 127 2.80 1.55 8.40
C GLY A 127 2.08 0.82 7.27
N VAL A 128 1.61 -0.39 7.52
CA VAL A 128 0.98 -1.15 6.45
C VAL A 128 -0.13 -0.47 5.67
N HIS A 129 -1.09 0.15 6.35
CA HIS A 129 -2.15 0.80 5.60
C HIS A 129 -1.67 1.99 4.78
N GLU A 130 -0.65 2.68 5.26
CA GLU A 130 -0.12 3.80 4.50
C GLU A 130 0.51 3.27 3.22
N ILE A 131 1.16 2.11 3.31
CA ILE A 131 1.78 1.49 2.15
C ILE A 131 0.69 0.92 1.23
N ILE A 132 -0.38 0.38 1.82
CA ILE A 132 -1.45 -0.17 1.00
C ILE A 132 -2.05 0.93 0.14
N TYR A 133 -2.32 2.10 0.74
CA TYR A 133 -2.89 3.22 -0.02
C TYR A 133 -1.93 3.63 -1.14
N THR A 134 -0.65 3.74 -0.79
CA THR A 134 0.38 4.12 -1.75
C THR A 134 0.45 3.19 -2.95
N MET A 135 0.55 1.90 -2.68
CA MET A 135 0.67 0.91 -3.73
C MET A 135 -0.62 0.68 -4.50
N LEU A 136 -1.75 0.90 -3.85
CA LEU A 136 -3.03 0.72 -4.51
C LEU A 136 -3.11 1.70 -5.68
N ALA A 137 -2.54 2.90 -5.51
CA ALA A 137 -2.55 3.90 -6.56
C ALA A 137 -1.90 3.38 -7.84
N SER A 138 -0.90 2.53 -7.70
CA SER A 138 -0.20 1.97 -8.87
C SER A 138 -1.14 1.20 -9.78
N LEU A 139 -2.18 0.62 -9.20
CA LEU A 139 -3.16 -0.19 -9.94
C LEU A 139 -4.43 0.58 -10.29
N MET A 140 -4.43 1.89 -10.04
CA MET A 140 -5.61 2.70 -10.33
C MET A 140 -5.39 3.77 -11.38
N ASN A 141 -6.50 4.21 -11.95
CA ASN A 141 -6.54 5.28 -12.93
C ASN A 141 -7.81 6.02 -12.53
N LYS A 142 -8.11 7.13 -13.20
CA LYS A 142 -9.28 7.91 -12.84
C LYS A 142 -10.59 7.15 -13.00
N ASP A 143 -10.57 6.07 -13.77
CA ASP A 143 -11.78 5.29 -14.02
C ASP A 143 -11.96 3.97 -13.27
N GLY A 144 -10.89 3.42 -12.71
CA GLY A 144 -11.06 2.16 -12.01
C GLY A 144 -9.79 1.57 -11.42
N VAL A 145 -9.94 0.36 -10.89
CA VAL A 145 -8.82 -0.33 -10.26
C VAL A 145 -8.64 -1.76 -10.76
N LEU A 146 -7.38 -2.15 -10.92
CA LEU A 146 -7.04 -3.51 -11.35
C LEU A 146 -7.13 -4.44 -10.14
N ILE A 147 -7.76 -5.59 -10.34
CA ILE A 147 -7.90 -6.57 -9.27
C ILE A 147 -7.52 -7.95 -9.79
N SER A 148 -7.33 -8.89 -8.88
CA SER A 148 -6.98 -10.26 -9.24
C SER A 148 -5.74 -10.32 -10.12
N GLU A 149 -4.65 -9.75 -9.63
CA GLU A 149 -3.38 -9.72 -10.36
C GLU A 149 -3.53 -9.12 -11.75
N GLY A 150 -4.49 -8.19 -11.90
CA GLY A 150 -4.70 -7.55 -13.19
C GLY A 150 -5.61 -8.30 -14.14
N GLN A 151 -6.23 -9.38 -13.67
CA GLN A 151 -7.12 -10.16 -14.52
C GLN A 151 -8.50 -9.51 -14.57
N GLY A 152 -8.74 -8.58 -13.67
CA GLY A 152 -10.03 -7.91 -13.63
C GLY A 152 -9.86 -6.42 -13.45
N PHE A 153 -10.89 -5.65 -13.83
CA PHE A 153 -10.87 -4.21 -13.70
C PHE A 153 -12.24 -3.76 -13.20
N MET A 154 -12.29 -3.21 -12.00
CA MET A 154 -13.56 -2.75 -11.44
C MET A 154 -13.61 -1.23 -11.52
N THR A 155 -14.67 -0.70 -12.13
CA THR A 155 -14.79 0.73 -12.30
C THR A 155 -15.02 1.52 -11.00
N ARG A 156 -14.47 2.72 -10.97
CA ARG A 156 -14.59 3.60 -9.83
C ARG A 156 -16.05 3.94 -9.57
N GLU A 157 -16.79 4.21 -10.65
CA GLU A 157 -18.20 4.56 -10.55
C GLU A 157 -19.01 3.44 -9.92
N PHE A 158 -18.68 2.20 -10.25
CA PHE A 158 -19.39 1.05 -9.69
C PHE A 158 -19.13 0.95 -8.19
N LEU A 159 -17.88 1.11 -7.79
CA LEU A 159 -17.51 1.02 -6.38
C LEU A 159 -18.06 2.20 -5.58
N LYS A 160 -18.10 3.37 -6.19
CA LYS A 160 -18.61 4.55 -5.52
C LYS A 160 -20.12 4.49 -5.37
N SER A 161 -20.78 3.76 -6.26
CA SER A 161 -22.24 3.64 -6.22
C SER A 161 -22.74 2.67 -5.15
N LEU A 162 -21.82 1.93 -4.54
CA LEU A 162 -22.19 0.97 -3.49
C LEU A 162 -22.89 1.71 -2.35
N ARG A 163 -23.90 1.06 -1.76
CA ARG A 163 -24.65 1.65 -0.67
C ARG A 163 -23.73 1.98 0.50
N LYS A 164 -24.09 3.02 1.26
CA LYS A 164 -23.29 3.42 2.41
C LYS A 164 -23.37 2.35 3.49
N PRO A 165 -22.33 2.25 4.34
CA PRO A 165 -21.13 3.08 4.31
C PRO A 165 -19.99 2.45 3.51
N PHE A 166 -20.34 1.69 2.48
CA PHE A 166 -19.33 1.02 1.65
C PHE A 166 -18.81 1.86 0.49
N GLY A 167 -19.71 2.60 -0.15
CA GLY A 167 -19.29 3.43 -1.26
C GLY A 167 -18.32 4.50 -0.81
N ASP A 168 -18.55 5.04 0.37
CA ASP A 168 -17.70 6.08 0.93
C ASP A 168 -16.38 5.49 1.43
N PHE A 169 -16.31 4.16 1.45
CA PHE A 169 -15.12 3.45 1.89
C PHE A 169 -14.15 3.24 0.73
N MET A 170 -14.70 3.13 -0.47
CA MET A 170 -13.90 2.89 -1.67
C MET A 170 -13.32 4.16 -2.29
N GLU A 171 -14.17 5.18 -2.43
CA GLU A 171 -13.78 6.44 -3.05
C GLU A 171 -12.49 7.10 -2.54
N PRO A 172 -12.32 7.22 -1.21
CA PRO A 172 -11.11 7.85 -0.66
C PRO A 172 -9.80 7.32 -1.26
N LYS A 173 -9.74 6.02 -1.54
CA LYS A 173 -8.54 5.44 -2.11
C LYS A 173 -8.28 6.00 -3.52
N PHE A 174 -9.36 6.23 -4.27
CA PHE A 174 -9.24 6.77 -5.62
C PHE A 174 -8.86 8.26 -5.58
N GLU A 175 -9.41 8.98 -4.62
CA GLU A 175 -9.12 10.41 -4.50
C GLU A 175 -7.62 10.57 -4.27
N PHE A 176 -7.07 9.74 -3.41
CA PHE A 176 -5.65 9.80 -3.12
C PHE A 176 -4.83 9.39 -4.33
N ALA A 177 -5.22 8.29 -4.98
CA ALA A 177 -4.51 7.78 -6.14
C ALA A 177 -4.36 8.82 -7.25
N VAL A 178 -5.44 9.55 -7.54
CA VAL A 178 -5.42 10.57 -8.57
C VAL A 178 -4.36 11.63 -8.28
N LYS A 179 -4.31 12.08 -7.03
CA LYS A 179 -3.34 13.10 -6.63
C LYS A 179 -1.92 12.52 -6.65
N PHE A 180 -1.75 11.36 -6.02
CA PHE A 180 -0.44 10.72 -5.94
C PHE A 180 0.13 10.33 -7.30
N ASN A 181 -0.72 9.81 -8.18
CA ASN A 181 -0.24 9.40 -9.48
C ASN A 181 0.20 10.59 -10.33
N ALA A 182 -0.26 11.79 -9.97
CA ALA A 182 0.14 12.98 -10.70
C ALA A 182 1.63 13.25 -10.51
N LEU A 183 2.23 12.58 -9.51
CA LEU A 183 3.65 12.77 -9.23
C LEU A 183 4.54 11.96 -10.18
N GLU A 184 3.92 11.03 -10.91
CA GLU A 184 4.61 10.20 -11.89
C GLU A 184 5.81 9.40 -11.38
N LEU A 185 5.69 8.84 -10.18
CA LEU A 185 6.78 8.05 -9.64
C LEU A 185 6.81 6.68 -10.33
N ASP A 186 8.00 6.08 -10.39
CA ASP A 186 8.10 4.75 -10.97
C ASP A 186 8.43 3.78 -9.85
N ASP A 187 8.50 2.49 -10.17
CA ASP A 187 8.79 1.49 -9.15
C ASP A 187 10.07 1.72 -8.36
N SER A 188 11.11 2.22 -9.02
CA SER A 188 12.38 2.49 -8.34
C SER A 188 12.21 3.59 -7.28
N ASP A 189 11.37 4.57 -7.59
CA ASP A 189 11.11 5.66 -6.65
C ASP A 189 10.28 5.13 -5.48
N LEU A 190 9.25 4.38 -5.82
CA LEU A 190 8.34 3.81 -4.84
C LEU A 190 9.01 2.89 -3.83
N ALA A 191 9.95 2.07 -4.30
CA ALA A 191 10.63 1.17 -3.39
C ALA A 191 11.28 1.92 -2.23
N ILE A 192 11.91 3.05 -2.51
CA ILE A 192 12.56 3.81 -1.46
C ILE A 192 11.53 4.57 -0.62
N PHE A 193 10.53 5.14 -1.28
CA PHE A 193 9.47 5.89 -0.59
C PHE A 193 8.80 4.99 0.43
N ILE A 194 8.48 3.77 0.03
CA ILE A 194 7.83 2.81 0.92
C ILE A 194 8.73 2.48 2.11
N ALA A 195 10.02 2.31 1.86
CA ALA A 195 10.98 1.99 2.91
C ALA A 195 11.05 3.13 3.94
N VAL A 196 11.07 4.38 3.47
CA VAL A 196 11.11 5.53 4.36
C VAL A 196 9.87 5.52 5.27
N ILE A 197 8.71 5.26 4.69
CA ILE A 197 7.48 5.23 5.48
C ILE A 197 7.52 4.14 6.55
N ILE A 198 7.97 2.94 6.20
CA ILE A 198 8.01 1.86 7.19
C ILE A 198 8.94 2.20 8.37
N LEU A 199 10.09 2.78 8.06
CA LEU A 199 11.07 3.13 9.09
C LEU A 199 10.82 4.50 9.73
N SER A 200 9.60 4.69 10.22
CA SER A 200 9.23 5.96 10.86
C SER A 200 9.46 5.87 12.37
N GLY A 201 10.44 6.63 12.86
CA GLY A 201 10.77 6.60 14.27
C GLY A 201 9.78 7.24 15.21
N ASP A 202 8.72 7.84 14.67
CA ASP A 202 7.74 8.49 15.53
C ASP A 202 6.42 7.73 15.70
N ARG A 203 6.40 6.46 15.35
CA ARG A 203 5.19 5.66 15.52
C ARG A 203 4.92 5.48 17.01
N PRO A 204 3.65 5.55 17.41
CA PRO A 204 3.30 5.39 18.83
C PRO A 204 3.80 4.08 19.43
N GLY A 205 4.35 4.16 20.63
CA GLY A 205 4.80 2.96 21.31
C GLY A 205 6.14 2.35 20.98
N LEU A 206 6.92 2.99 20.13
CA LEU A 206 8.24 2.44 19.80
C LEU A 206 9.12 2.48 21.05
N LEU A 207 9.98 1.48 21.22
CA LEU A 207 10.85 1.41 22.38
C LEU A 207 12.24 2.02 22.15
N ASN A 208 12.86 1.68 21.02
CA ASN A 208 14.18 2.19 20.68
C ASN A 208 14.09 3.01 19.41
N VAL A 209 13.94 4.32 19.59
CA VAL A 209 13.76 5.24 18.49
C VAL A 209 14.98 5.54 17.62
N LYS A 210 16.13 5.78 18.25
CA LYS A 210 17.31 6.13 17.50
C LYS A 210 17.72 5.18 16.38
N PRO A 211 17.73 3.86 16.64
CA PRO A 211 18.12 2.97 15.55
C PRO A 211 17.22 3.09 14.32
N ILE A 212 15.95 3.35 14.55
CA ILE A 212 14.99 3.50 13.46
C ILE A 212 15.23 4.83 12.76
N GLU A 213 15.43 5.89 13.53
CA GLU A 213 15.69 7.20 12.93
C GLU A 213 16.98 7.18 12.09
N ASP A 214 18.00 6.47 12.55
CA ASP A 214 19.26 6.40 11.82
C ASP A 214 19.06 5.70 10.48
N ILE A 215 18.26 4.63 10.48
CA ILE A 215 18.01 3.91 9.24
C ILE A 215 17.21 4.81 8.31
N GLN A 216 16.20 5.47 8.86
CA GLN A 216 15.38 6.35 8.02
C GLN A 216 16.18 7.51 7.44
N ASP A 217 17.11 8.05 8.22
CA ASP A 217 17.92 9.17 7.73
C ASP A 217 18.67 8.75 6.47
N ASN A 218 19.18 7.52 6.47
CA ASN A 218 19.92 7.02 5.30
C ASN A 218 18.97 6.76 4.14
N LEU A 219 17.80 6.20 4.43
CA LEU A 219 16.83 5.93 3.38
C LEU A 219 16.37 7.25 2.75
N LEU A 220 16.24 8.30 3.57
CA LEU A 220 15.83 9.61 3.08
C LEU A 220 16.88 10.20 2.15
N GLN A 221 18.16 9.97 2.46
CA GLN A 221 19.24 10.47 1.60
C GLN A 221 19.17 9.71 0.29
N ALA A 222 18.89 8.41 0.37
CA ALA A 222 18.80 7.60 -0.85
C ALA A 222 17.63 8.06 -1.71
N LEU A 223 16.52 8.42 -1.06
CA LEU A 223 15.34 8.88 -1.79
C LEU A 223 15.62 10.22 -2.47
N GLU A 224 16.26 11.12 -1.75
CA GLU A 224 16.57 12.44 -2.32
C GLU A 224 17.43 12.30 -3.57
N LEU A 225 18.46 11.46 -3.51
CA LEU A 225 19.34 11.28 -4.66
C LEU A 225 18.59 10.60 -5.81
N GLN A 226 17.75 9.61 -5.48
CA GLN A 226 16.96 8.92 -6.49
C GLN A 226 16.09 9.92 -7.25
N LEU A 227 15.42 10.82 -6.52
CA LEU A 227 14.56 11.79 -7.19
C LEU A 227 15.33 12.82 -8.01
N LYS A 228 16.50 13.23 -7.52
CA LYS A 228 17.30 14.21 -8.25
C LYS A 228 17.81 13.64 -9.56
N LEU A 229 18.14 12.35 -9.57
CA LEU A 229 18.65 11.73 -10.79
C LEU A 229 17.56 11.26 -11.74
N ASN A 230 16.47 10.73 -11.18
CA ASN A 230 15.37 10.18 -11.96
C ASN A 230 14.31 11.20 -12.41
N HIS A 231 14.23 12.31 -11.70
CA HIS A 231 13.26 13.38 -12.02
C HIS A 231 14.02 14.71 -11.92
N PRO A 232 15.08 14.88 -12.73
CA PRO A 232 15.87 16.10 -12.71
C PRO A 232 15.11 17.40 -12.95
N GLU A 233 14.01 17.33 -13.69
CA GLU A 233 13.23 18.52 -13.99
C GLU A 233 12.12 18.82 -12.99
N SER A 234 12.11 18.09 -11.87
CA SER A 234 11.08 18.27 -10.85
C SER A 234 11.72 18.40 -9.45
N SER A 235 12.36 19.54 -9.21
CA SER A 235 13.04 19.79 -7.94
C SER A 235 12.14 19.67 -6.71
N GLN A 236 10.86 19.96 -6.90
CA GLN A 236 9.90 19.93 -5.81
C GLN A 236 9.39 18.56 -5.38
N LEU A 237 9.74 17.53 -6.14
CA LEU A 237 9.25 16.19 -5.83
C LEU A 237 9.53 15.64 -4.44
N PHE A 238 10.77 15.77 -3.96
CA PHE A 238 11.12 15.27 -2.64
C PHE A 238 10.26 15.91 -1.56
N ALA A 239 10.18 17.24 -1.57
CA ALA A 239 9.38 17.94 -0.57
C ALA A 239 7.92 17.49 -0.63
N LYS A 240 7.41 17.30 -1.84
CA LYS A 240 6.03 16.87 -2.00
C LYS A 240 5.83 15.47 -1.44
N LEU A 241 6.77 14.57 -1.69
CA LEU A 241 6.65 13.23 -1.15
C LEU A 241 6.71 13.24 0.37
N LEU A 242 7.51 14.11 0.97
CA LEU A 242 7.56 14.18 2.43
C LEU A 242 6.19 14.60 2.95
N GLN A 243 5.53 15.51 2.24
CA GLN A 243 4.20 15.95 2.64
C GLN A 243 3.19 14.82 2.47
N LYS A 244 3.37 14.00 1.43
CA LYS A 244 2.47 12.89 1.20
C LYS A 244 2.53 11.89 2.34
N MET A 245 3.70 11.74 2.95
CA MET A 245 3.88 10.82 4.07
C MET A 245 3.05 11.32 5.24
N THR A 246 2.99 12.65 5.39
CA THR A 246 2.21 13.26 6.45
C THR A 246 0.72 13.11 6.15
N ASP A 247 0.34 13.37 4.90
CA ASP A 247 -1.06 13.25 4.51
C ASP A 247 -1.58 11.84 4.72
N LEU A 248 -0.75 10.84 4.40
CA LEU A 248 -1.14 9.44 4.54
C LEU A 248 -1.56 9.06 5.96
N ARG A 249 -1.03 9.74 6.96
CA ARG A 249 -1.39 9.43 8.33
C ARG A 249 -2.82 9.86 8.61
N GLN A 250 -3.17 11.06 8.15
CA GLN A 250 -4.53 11.55 8.35
C GLN A 250 -5.47 10.70 7.51
N ILE A 251 -5.00 10.27 6.34
CA ILE A 251 -5.78 9.45 5.43
C ILE A 251 -6.11 8.10 6.06
N VAL A 252 -5.13 7.49 6.71
CA VAL A 252 -5.34 6.19 7.34
C VAL A 252 -6.22 6.34 8.58
N THR A 253 -6.12 7.49 9.24
CA THR A 253 -6.93 7.72 10.43
C THR A 253 -8.40 7.65 10.06
N GLU A 254 -8.76 8.31 8.96
CA GLU A 254 -10.13 8.33 8.46
C GLU A 254 -10.54 6.95 7.99
N HIS A 255 -9.57 6.19 7.49
CA HIS A 255 -9.81 4.83 7.02
C HIS A 255 -10.22 3.96 8.19
N VAL A 256 -9.44 4.01 9.26
CA VAL A 256 -9.70 3.23 10.46
C VAL A 256 -11.04 3.60 11.08
N GLN A 257 -11.36 4.88 11.05
CA GLN A 257 -12.63 5.36 11.61
C GLN A 257 -13.81 4.82 10.81
N LEU A 258 -13.77 4.99 9.50
CA LEU A 258 -14.84 4.51 8.63
C LEU A 258 -15.00 3.00 8.78
N LEU A 259 -13.95 2.34 9.22
CA LEU A 259 -13.98 0.89 9.39
C LEU A 259 -14.60 0.50 10.73
N GLN A 260 -14.32 1.27 11.78
CA GLN A 260 -14.88 0.98 13.08
C GLN A 260 -16.39 1.20 13.03
N VAL A 261 -16.80 2.09 12.12
CA VAL A 261 -18.22 2.40 11.95
C VAL A 261 -18.92 1.21 11.28
N ILE A 262 -18.25 0.61 10.30
CA ILE A 262 -18.80 -0.54 9.59
C ILE A 262 -18.90 -1.74 10.53
N LYS A 263 -17.86 -1.97 11.32
CA LYS A 263 -17.83 -3.09 12.25
C LYS A 263 -18.83 -2.89 13.37
N LYS A 264 -19.38 -1.69 13.47
CA LYS A 264 -20.35 -1.38 14.53
C LYS A 264 -21.77 -1.22 14.01
N THR A 265 -21.91 -0.77 12.77
CA THR A 265 -23.22 -0.55 12.18
C THR A 265 -23.67 -1.71 11.28
N GLU A 266 -22.71 -2.47 10.78
CA GLU A 266 -23.01 -3.61 9.91
C GLU A 266 -22.91 -4.91 10.68
N THR A 267 -24.06 -5.41 11.13
CA THR A 267 -24.10 -6.65 11.90
C THR A 267 -23.67 -7.85 11.06
N ASP A 268 -23.32 -8.93 11.73
CA ASP A 268 -22.88 -10.15 11.08
C ASP A 268 -21.71 -9.89 10.14
N MET A 269 -20.91 -8.90 10.48
CA MET A 269 -19.75 -8.54 9.67
C MET A 269 -18.53 -9.30 10.15
N SER A 270 -17.78 -9.89 9.22
CA SER A 270 -16.59 -10.65 9.58
C SER A 270 -15.31 -9.93 9.22
N LEU A 271 -14.51 -9.62 10.23
CA LEU A 271 -13.24 -8.94 10.02
C LEU A 271 -12.11 -9.96 10.20
N HIS A 272 -11.24 -10.06 9.20
CA HIS A 272 -10.13 -10.99 9.24
C HIS A 272 -9.24 -10.74 10.47
N PRO A 273 -8.81 -11.81 11.14
CA PRO A 273 -7.96 -11.76 12.35
C PRO A 273 -6.73 -10.87 12.21
N LEU A 274 -6.04 -10.97 11.08
CA LEU A 274 -4.84 -10.17 10.87
C LEU A 274 -5.19 -8.68 10.87
N LEU A 275 -6.28 -8.34 10.20
CA LEU A 275 -6.73 -6.95 10.14
C LEU A 275 -7.21 -6.46 11.50
N GLN A 276 -7.87 -7.34 12.24
CA GLN A 276 -8.36 -6.96 13.56
C GLN A 276 -7.17 -6.63 14.46
N GLU A 277 -6.11 -7.42 14.34
CA GLU A 277 -4.91 -7.22 15.15
C GLU A 277 -4.27 -5.86 14.85
N ILE A 278 -4.19 -5.52 13.57
CA ILE A 278 -3.60 -4.26 13.15
C ILE A 278 -4.43 -3.06 13.59
N TYR A 279 -5.75 -3.17 13.47
CA TYR A 279 -6.64 -2.08 13.86
C TYR A 279 -6.77 -1.90 15.36
N LYS A 280 -6.64 -3.00 16.10
CA LYS A 280 -6.78 -2.95 17.56
C LYS A 280 -5.81 -1.98 18.22
N ASP A 281 -6.36 -1.06 19.01
CA ASP A 281 -5.55 -0.08 19.73
C ASP A 281 -4.73 0.82 18.80
N LEU A 282 -5.19 0.99 17.57
CA LEU A 282 -4.49 1.84 16.62
C LEU A 282 -4.90 3.28 16.92
N TYR A 283 -3.97 4.22 16.79
CA TYR A 283 -4.26 5.62 17.07
C TYR A 283 -5.47 6.13 16.29
N PRO B 6 1.85 -14.02 21.83
CA PRO B 6 2.24 -14.04 20.41
C PRO B 6 1.17 -13.40 19.53
N SER B 7 1.61 -12.71 18.48
CA SER B 7 0.70 -12.04 17.56
C SER B 7 0.94 -12.56 16.15
N LEU B 8 -0.01 -12.30 15.25
CA LEU B 8 0.11 -12.74 13.87
C LEU B 8 1.22 -11.97 13.17
N LEU B 9 1.35 -10.68 13.47
CA LEU B 9 2.41 -9.90 12.86
C LEU B 9 3.79 -10.44 13.27
N LYS B 10 3.91 -10.83 14.53
CA LYS B 10 5.17 -11.37 15.02
C LYS B 10 5.49 -12.68 14.29
N LYS B 11 4.47 -13.52 14.10
CA LYS B 11 4.68 -14.78 13.42
C LYS B 11 5.15 -14.56 11.98
N LEU B 12 4.56 -13.58 11.30
CA LEU B 12 4.95 -13.29 9.93
C LEU B 12 6.38 -12.74 9.89
N LEU B 13 6.73 -11.94 10.89
CA LEU B 13 8.07 -11.35 10.95
C LEU B 13 9.17 -12.37 11.24
N LEU B 14 8.83 -13.43 11.97
CA LEU B 14 9.80 -14.44 12.36
C LEU B 14 10.01 -15.55 11.33
N ALA B 15 9.06 -15.70 10.42
CA ALA B 15 9.14 -16.73 9.39
C ALA B 15 10.31 -16.43 8.45
N PRO B 16 11.32 -17.32 8.44
CA PRO B 16 12.50 -17.15 7.58
C PRO B 16 12.18 -17.46 6.12
#